data_3FJU
#
_entry.id   3FJU
#
_cell.length_a   55.470
_cell.length_b   78.700
_cell.length_c   84.500
_cell.angle_alpha   90.00
_cell.angle_beta   90.00
_cell.angle_gamma   90.00
#
_symmetry.space_group_name_H-M   'P 21 21 21'
#
loop_
_entity.id
_entity.type
_entity.pdbx_description
1 polymer 'Carboxypeptidase A1'
2 polymer 'Carboxypeptidase A inhibitor'
3 non-polymer 'ZINC ION'
4 non-polymer 'SODIUM ION'
5 non-polymer 'CACODYLATE ION'
6 non-polymer 'ACETATE ION'
7 water water
#
loop_
_entity_poly.entity_id
_entity_poly.type
_entity_poly.pdbx_seq_one_letter_code
_entity_poly.pdbx_strand_id
1 'polypeptide(L)'
;RSTDTFNYATYHTLEEIYDFLDLLVAENPHLVSKIQIGNTYEGRPIYVLKFSTGGSKRPAIWIDTGIHSREWVTQASGVW
FAKKITQDYGQDAAFTAILDTLDIFLEIVTNPDGFAFTHSTNRMWRKTRSHTAGSLCIGVDPNRNWDAGFGLSGASSNPC
SETYHGKFANSEVEVKSIVDFVKDHGNIKAFISIHSYSQLLMYPYGYKTEPVPDQDELDQLSKAAVTALASLYGTKFNYG
SIIKAIYQASGSTIDWTYSQGIKYSFTFELRDTGRYGFLLPASQIIPTAKETWLALLTIMEHTLNHP
;
A
2 'polypeptide(L)' VRKCLSDTDCTNGEKCVQKNKICSTIVEIQRCEKEHFTIPCKSNNDCQVWAHEKICNKGCCWDLL B
#
loop_
_chem_comp.id
_chem_comp.type
_chem_comp.name
_chem_comp.formula
ACT non-polymer 'ACETATE ION' 'C2 H3 O2 -1'
CAC non-polymer 'CACODYLATE ION' 'C2 H6 As O2 -1'
NA non-polymer 'SODIUM ION' 'Na 1'
ZN non-polymer 'ZINC ION' 'Zn 2'
#
# COMPACT_ATOMS: atom_id res chain seq x y z
N ARG A 1 -22.55 -21.29 -3.54
CA ARG A 1 -21.41 -20.33 -3.50
C ARG A 1 -20.30 -20.79 -2.53
N SER A 2 -19.07 -20.85 -3.03
CA SER A 2 -17.92 -21.28 -2.22
C SER A 2 -16.74 -20.41 -2.63
N THR A 3 -15.60 -20.55 -1.95
CA THR A 3 -14.41 -19.82 -2.42
C THR A 3 -13.86 -20.38 -3.74
N ASP A 4 -14.35 -21.54 -4.18
CA ASP A 4 -14.03 -22.02 -5.53
C ASP A 4 -14.88 -21.41 -6.65
N THR A 5 -16.01 -20.81 -6.28
CA THR A 5 -16.90 -20.21 -7.27
C THR A 5 -16.65 -18.70 -7.35
N PHE A 6 -15.98 -18.19 -6.32
CA PHE A 6 -15.60 -16.80 -6.28
C PHE A 6 -14.72 -16.45 -7.50
N ASN A 7 -15.00 -15.30 -8.09
CA ASN A 7 -14.24 -14.83 -9.23
C ASN A 7 -13.11 -13.92 -8.77
N TYR A 8 -11.90 -14.47 -8.77
CA TYR A 8 -10.70 -13.77 -8.34
C TYR A 8 -10.22 -12.77 -9.39
N ALA A 9 -10.78 -12.86 -10.60
CA ALA A 9 -10.32 -12.01 -11.69
C ALA A 9 -11.18 -10.77 -11.89
N THR A 10 -11.96 -10.41 -10.88
CA THR A 10 -12.77 -9.22 -10.98
C THR A 10 -12.75 -8.48 -9.65
N TYR A 11 -13.12 -7.21 -9.69
CA TYR A 11 -13.19 -6.38 -8.50
C TYR A 11 -14.52 -6.53 -7.76
N HIS A 12 -14.46 -6.49 -6.43
CA HIS A 12 -15.63 -6.76 -5.61
C HIS A 12 -16.01 -5.63 -4.66
N THR A 13 -17.22 -5.75 -4.13
CA THR A 13 -17.72 -4.80 -3.12
C THR A 13 -17.26 -5.22 -1.74
N LEU A 14 -17.42 -4.33 -0.77
CA LEU A 14 -17.11 -4.66 0.63
C LEU A 14 -17.89 -5.90 1.07
N GLU A 15 -19.20 -5.88 0.83
CA GLU A 15 -20.05 -7.00 1.24
C GLU A 15 -19.59 -8.32 0.63
N GLU A 16 -19.17 -8.28 -0.64
CA GLU A 16 -18.67 -9.48 -1.29
C GLU A 16 -17.37 -9.98 -0.68
N ILE A 17 -16.47 -9.05 -0.36
CA ILE A 17 -15.22 -9.45 0.27
C ILE A 17 -15.46 -10.04 1.66
N TYR A 18 -16.35 -9.41 2.42
CA TYR A 18 -16.70 -9.94 3.72
C TYR A 18 -17.35 -11.32 3.63
N ASP A 19 -18.17 -11.57 2.59
CA ASP A 19 -18.69 -12.93 2.35
C ASP A 19 -17.56 -13.92 2.13
N PHE A 20 -16.55 -13.48 1.36
CA PHE A 20 -15.40 -14.35 1.05
C PHE A 20 -14.67 -14.75 2.35
N LEU A 21 -14.52 -13.78 3.26
CA LEU A 21 -13.87 -14.04 4.56
C LEU A 21 -14.60 -15.16 5.28
N ASP A 22 -15.92 -15.05 5.34
CA ASP A 22 -16.72 -16.05 6.03
C ASP A 22 -16.67 -17.42 5.37
N LEU A 23 -16.73 -17.46 4.03
CA LEU A 23 -16.66 -18.76 3.31
C LEU A 23 -15.30 -19.43 3.50
N LEU A 24 -14.23 -18.64 3.45
CA LEU A 24 -12.90 -19.20 3.68
C LEU A 24 -12.74 -19.81 5.06
N VAL A 25 -13.24 -19.10 6.08
CA VAL A 25 -13.21 -19.61 7.45
C VAL A 25 -14.04 -20.88 7.54
N ALA A 26 -15.24 -20.87 6.97
CA ALA A 26 -16.14 -22.02 7.10
C ALA A 26 -15.58 -23.26 6.40
N GLU A 27 -14.84 -23.04 5.33
CA GLU A 27 -14.23 -24.12 4.55
C GLU A 27 -12.94 -24.66 5.17
N ASN A 28 -12.28 -23.85 6.00
CA ASN A 28 -10.97 -24.16 6.58
C ASN A 28 -10.94 -23.81 8.08
N PRO A 29 -11.84 -24.41 8.87
CA PRO A 29 -12.08 -23.92 10.26
C PRO A 29 -10.93 -24.16 11.23
N HIS A 30 -10.01 -25.05 10.88
CA HIS A 30 -8.86 -25.36 11.73
C HIS A 30 -7.57 -24.70 11.28
N LEU A 31 -7.65 -23.97 10.17
CA LEU A 31 -6.51 -23.20 9.67
C LEU A 31 -6.78 -21.71 9.72
N VAL A 32 -8.02 -21.30 9.45
CA VAL A 32 -8.36 -19.88 9.28
C VAL A 32 -9.39 -19.44 10.31
N SER A 33 -9.15 -18.28 10.89
CA SER A 33 -10.16 -17.64 11.73
C SER A 33 -10.30 -16.16 11.39
N LYS A 34 -11.43 -15.57 11.79
CA LYS A 34 -11.71 -14.18 11.51
C LYS A 34 -11.73 -13.43 12.81
N ILE A 35 -10.87 -12.42 12.94
CA ILE A 35 -10.77 -11.62 14.15
C ILE A 35 -11.28 -10.19 13.87
N GLN A 36 -12.24 -9.72 14.64
CA GLN A 36 -12.64 -8.33 14.54
C GLN A 36 -11.75 -7.49 15.44
N ILE A 37 -10.98 -6.58 14.83
CA ILE A 37 -10.05 -5.75 15.60
C ILE A 37 -10.64 -4.39 15.95
N GLY A 38 -11.83 -4.06 15.43
CA GLY A 38 -12.44 -2.76 15.74
C GLY A 38 -13.62 -2.44 14.86
N ASN A 39 -14.10 -1.20 14.97
CA ASN A 39 -15.09 -0.69 14.07
C ASN A 39 -14.61 0.62 13.51
N THR A 40 -14.97 0.90 12.26
CA THR A 40 -14.50 2.09 11.57
C THR A 40 -15.22 3.32 12.10
N TYR A 41 -14.82 4.46 11.57
CA TYR A 41 -15.47 5.72 11.94
C TYR A 41 -17.00 5.63 11.77
N GLU A 42 -17.42 5.03 10.65
CA GLU A 42 -18.85 4.92 10.31
C GLU A 42 -19.48 3.62 10.82
N GLY A 43 -18.70 2.85 11.59
CA GLY A 43 -19.27 1.76 12.37
C GLY A 43 -19.13 0.39 11.75
N ARG A 44 -18.42 0.28 10.62
CA ARG A 44 -18.26 -1.01 9.94
C ARG A 44 -17.27 -1.87 10.69
N PRO A 45 -17.49 -3.20 10.73
CA PRO A 45 -16.49 -4.09 11.34
C PRO A 45 -15.16 -4.06 10.58
N ILE A 46 -14.06 -4.16 11.31
CA ILE A 46 -12.72 -4.29 10.72
C ILE A 46 -12.21 -5.70 11.03
N TYR A 47 -11.87 -6.46 10.00
CA TYR A 47 -11.56 -7.88 10.12
C TYR A 47 -10.15 -8.27 9.66
N VAL A 48 -9.51 -9.09 10.46
CA VAL A 48 -8.20 -9.66 10.14
C VAL A 48 -8.37 -11.17 10.07
N LEU A 49 -7.83 -11.79 9.03
CA LEU A 49 -7.76 -13.24 8.99
C LEU A 49 -6.49 -13.75 9.64
N LYS A 50 -6.63 -14.78 10.48
CA LYS A 50 -5.48 -15.45 11.07
C LYS A 50 -5.34 -16.80 10.42
N PHE A 51 -4.14 -17.08 9.91
CA PHE A 51 -3.80 -18.39 9.38
C PHE A 51 -2.77 -18.99 10.34
N SER A 52 -3.11 -20.13 10.93
CA SER A 52 -2.27 -20.73 11.97
C SER A 52 -2.45 -22.23 12.01
N THR A 53 -1.34 -22.95 12.20
CA THR A 53 -1.38 -24.41 12.38
C THR A 53 -1.29 -24.82 13.85
N GLY A 54 -1.26 -23.82 14.73
CA GLY A 54 -1.31 -24.06 16.16
C GLY A 54 -0.44 -23.13 16.97
N GLY A 55 -0.10 -23.59 18.18
CA GLY A 55 0.79 -22.88 19.08
C GLY A 55 0.11 -21.72 19.75
N SER A 56 0.89 -21.06 20.60
CA SER A 56 0.48 -19.86 21.29
C SER A 56 1.47 -18.70 21.03
N LYS A 57 0.94 -17.59 20.53
CA LYS A 57 1.70 -16.38 20.20
C LYS A 57 2.95 -16.71 19.41
N ARG A 58 2.79 -17.56 18.40
CA ARG A 58 3.89 -17.88 17.51
C ARG A 58 4.40 -16.62 16.81
N PRO A 59 5.68 -16.65 16.42
CA PRO A 59 6.18 -15.55 15.56
C PRO A 59 5.28 -15.42 14.35
N ALA A 60 5.08 -14.21 13.87
CA ALA A 60 4.02 -14.00 12.89
C ALA A 60 4.39 -13.00 11.83
N ILE A 61 3.75 -13.17 10.67
CA ILE A 61 3.84 -12.24 9.56
C ILE A 61 2.50 -11.50 9.50
N TRP A 62 2.54 -10.17 9.45
CA TRP A 62 1.34 -9.38 9.18
C TRP A 62 1.38 -8.83 7.75
N ILE A 63 0.26 -8.92 7.04
CA ILE A 63 0.11 -8.29 5.73
C ILE A 63 -1.20 -7.49 5.72
N ASP A 64 -1.16 -6.23 5.31
CA ASP A 64 -2.40 -5.45 5.10
C ASP A 64 -2.50 -4.94 3.67
N THR A 65 -3.73 -4.92 3.16
CA THR A 65 -4.05 -4.31 1.88
C THR A 65 -5.15 -3.27 2.07
N GLY A 66 -5.26 -2.35 1.11
CA GLY A 66 -6.39 -1.42 1.13
C GLY A 66 -6.39 -0.35 2.21
N ILE A 67 -5.24 -0.02 2.79
CA ILE A 67 -5.22 1.12 3.73
C ILE A 67 -5.65 2.41 3.01
N HIS A 68 -5.25 2.54 1.73
CA HIS A 68 -5.77 3.62 0.86
C HIS A 68 -6.83 3.04 -0.07
N SER A 69 -8.06 3.53 0.09
CA SER A 69 -9.20 2.84 -0.45
C SER A 69 -9.21 2.69 -1.99
N ARG A 70 -8.75 3.71 -2.70
CA ARG A 70 -8.76 3.67 -4.17
C ARG A 70 -7.81 2.65 -4.83
N GLU A 71 -6.95 2.04 -4.02
CA GLU A 71 -5.87 1.20 -4.53
C GLU A 71 -6.39 -0.23 -4.69
N TRP A 72 -7.43 -0.37 -5.53
CA TRP A 72 -8.23 -1.59 -5.62
C TRP A 72 -7.50 -2.90 -5.90
N VAL A 73 -6.39 -2.84 -6.63
CA VAL A 73 -5.67 -4.09 -6.91
C VAL A 73 -5.11 -4.69 -5.62
N THR A 74 -4.94 -3.85 -4.59
CA THR A 74 -4.39 -4.36 -3.33
C THR A 74 -5.44 -5.23 -2.61
N GLN A 75 -6.67 -4.75 -2.47
CA GLN A 75 -7.71 -5.57 -1.83
C GLN A 75 -7.95 -6.84 -2.64
N ALA A 76 -7.99 -6.69 -3.96
CA ALA A 76 -8.18 -7.83 -4.84
C ALA A 76 -7.04 -8.83 -4.70
N SER A 77 -5.80 -8.34 -4.53
CA SER A 77 -4.67 -9.26 -4.31
C SER A 77 -4.75 -9.93 -2.94
N GLY A 78 -5.18 -9.18 -1.92
CA GLY A 78 -5.34 -9.74 -0.58
C GLY A 78 -6.31 -10.92 -0.54
N VAL A 79 -7.44 -10.80 -1.26
CA VAL A 79 -8.37 -11.91 -1.39
C VAL A 79 -7.66 -13.11 -2.01
N TRP A 80 -6.88 -12.85 -3.06
CA TRP A 80 -6.17 -13.92 -3.72
C TRP A 80 -5.11 -14.57 -2.79
N PHE A 81 -4.36 -13.77 -2.02
CA PHE A 81 -3.39 -14.34 -1.06
C PHE A 81 -4.08 -15.25 -0.06
N ALA A 82 -5.27 -14.85 0.41
CA ALA A 82 -6.00 -15.64 1.40
C ALA A 82 -6.34 -17.02 0.83
N LYS A 83 -6.88 -17.03 -0.38
CA LYS A 83 -7.19 -18.29 -1.03
C LYS A 83 -5.92 -19.11 -1.24
N LYS A 84 -4.86 -18.41 -1.65
CA LYS A 84 -3.57 -19.06 -1.92
C LYS A 84 -3.00 -19.82 -0.73
N ILE A 85 -3.11 -19.22 0.45
CA ILE A 85 -2.59 -19.85 1.66
C ILE A 85 -3.32 -21.17 1.89
N THR A 86 -4.63 -21.17 1.66
CA THR A 86 -5.43 -22.36 1.96
C THR A 86 -5.19 -23.42 0.89
N GLN A 87 -4.83 -22.97 -0.31
CA GLN A 87 -4.53 -23.89 -1.40
C GLN A 87 -3.20 -24.60 -1.20
N ASP A 88 -2.21 -23.85 -0.72
CA ASP A 88 -0.86 -24.36 -0.67
C ASP A 88 -0.48 -25.04 0.63
N TYR A 89 -1.12 -24.68 1.74
CA TYR A 89 -0.76 -25.31 2.99
C TYR A 89 -1.08 -26.81 2.91
N GLY A 90 -0.07 -27.63 3.17
CA GLY A 90 -0.23 -29.08 3.13
C GLY A 90 0.08 -29.68 1.77
N GLN A 91 0.23 -28.82 0.76
CA GLN A 91 0.47 -29.23 -0.63
C GLN A 91 1.85 -28.83 -1.15
N ASP A 92 2.21 -27.58 -0.97
CA ASP A 92 3.53 -27.10 -1.30
C ASP A 92 4.43 -27.20 -0.06
N ALA A 93 5.52 -27.96 -0.15
CA ALA A 93 6.42 -28.17 0.98
C ALA A 93 6.99 -26.91 1.62
N ALA A 94 7.49 -26.00 0.79
CA ALA A 94 8.17 -24.82 1.29
C ALA A 94 7.21 -23.94 2.07
N PHE A 95 6.00 -23.76 1.52
CA PHE A 95 5.01 -22.92 2.20
C PHE A 95 4.48 -23.63 3.45
N THR A 96 4.29 -24.94 3.33
CA THR A 96 3.93 -25.73 4.49
C THR A 96 4.90 -25.54 5.64
N ALA A 97 6.20 -25.56 5.34
CA ALA A 97 7.23 -25.27 6.34
C ALA A 97 7.09 -23.88 6.93
N ILE A 98 6.72 -22.90 6.11
CA ILE A 98 6.51 -21.56 6.64
C ILE A 98 5.40 -21.55 7.70
N LEU A 99 4.23 -22.07 7.33
CA LEU A 99 3.06 -21.98 8.22
C LEU A 99 3.14 -22.95 9.39
N ASP A 100 4.07 -23.91 9.31
CA ASP A 100 4.30 -24.80 10.46
C ASP A 100 5.10 -24.14 11.61
N THR A 101 5.76 -23.00 11.33
CA THR A 101 6.49 -22.22 12.37
C THR A 101 5.90 -20.82 12.62
N LEU A 102 5.36 -20.23 11.57
CA LEU A 102 4.84 -18.86 11.62
C LEU A 102 3.32 -18.82 11.43
N ASP A 103 2.67 -17.89 12.12
CA ASP A 103 1.29 -17.49 11.81
C ASP A 103 1.32 -16.35 10.81
N ILE A 104 0.26 -16.25 10.01
CA ILE A 104 0.07 -15.10 9.14
C ILE A 104 -1.24 -14.41 9.49
N PHE A 105 -1.16 -13.08 9.64
CA PHE A 105 -2.34 -12.24 9.81
C PHE A 105 -2.51 -11.40 8.56
N LEU A 106 -3.72 -11.34 8.04
CA LEU A 106 -3.99 -10.68 6.76
C LEU A 106 -5.22 -9.77 6.90
N GLU A 107 -5.03 -8.47 6.75
CA GLU A 107 -6.15 -7.50 6.80
C GLU A 107 -6.40 -7.05 5.37
N ILE A 108 -7.48 -7.55 4.78
CA ILE A 108 -7.74 -7.36 3.36
C ILE A 108 -8.31 -5.97 3.06
N VAL A 109 -9.26 -5.54 3.88
CA VAL A 109 -9.84 -4.21 3.70
C VAL A 109 -9.51 -3.36 4.92
N THR A 110 -8.38 -2.65 4.83
CA THR A 110 -7.85 -1.97 5.99
C THR A 110 -8.58 -0.63 6.24
N ASN A 111 -9.23 -0.11 5.20
CA ASN A 111 -10.02 1.12 5.30
C ASN A 111 -11.40 0.87 4.67
N PRO A 112 -12.30 0.21 5.43
CA PRO A 112 -13.59 -0.13 4.84
C PRO A 112 -14.47 1.05 4.50
N ASP A 113 -14.44 2.12 5.28
CA ASP A 113 -15.29 3.28 4.94
C ASP A 113 -14.87 3.89 3.62
N GLY A 114 -13.57 4.08 3.45
CA GLY A 114 -13.08 4.59 2.19
C GLY A 114 -13.44 3.65 1.06
N PHE A 115 -13.34 2.35 1.30
CA PHE A 115 -13.59 1.38 0.23
C PHE A 115 -15.05 1.47 -0.23
N ALA A 116 -15.97 1.51 0.74
CA ALA A 116 -17.39 1.71 0.42
C ALA A 116 -17.60 2.98 -0.39
N PHE A 117 -16.90 4.05 0.00
CA PHE A 117 -17.05 5.34 -0.66
C PHE A 117 -16.49 5.30 -2.08
N THR A 118 -15.46 4.49 -2.32
CA THR A 118 -14.93 4.43 -3.69
C THR A 118 -15.94 3.79 -4.66
N HIS A 119 -16.77 2.88 -4.15
CA HIS A 119 -17.86 2.32 -4.95
C HIS A 119 -19.06 3.27 -5.02
N SER A 120 -19.45 3.86 -3.89
CA SER A 120 -20.72 4.61 -3.84
C SER A 120 -20.67 6.02 -4.44
N THR A 121 -19.53 6.69 -4.27
CA THR A 121 -19.47 8.15 -4.41
C THR A 121 -18.25 8.68 -5.15
N ASN A 122 -17.07 8.17 -4.85
CA ASN A 122 -15.86 8.78 -5.40
C ASN A 122 -14.81 7.70 -5.57
N ARG A 123 -14.67 7.21 -6.80
CA ARG A 123 -13.74 6.12 -7.12
C ARG A 123 -12.28 6.41 -6.71
N MET A 124 -11.93 7.69 -6.68
CA MET A 124 -10.56 8.10 -6.39
C MET A 124 -10.34 8.51 -4.93
N TRP A 125 -11.24 8.13 -4.04
CA TRP A 125 -11.07 8.43 -2.61
C TRP A 125 -9.90 7.63 -2.01
N ARG A 126 -9.09 8.32 -1.20
CA ARG A 126 -7.87 7.76 -0.59
C ARG A 126 -7.95 7.58 0.92
N LYS A 127 -8.54 8.58 1.57
CA LYS A 127 -8.41 8.77 3.00
C LYS A 127 -9.45 7.99 3.81
N THR A 128 -9.44 8.17 5.14
CA THR A 128 -10.55 7.66 5.96
C THR A 128 -11.77 8.55 5.69
N ARG A 129 -12.84 8.37 6.46
CA ARG A 129 -14.03 9.17 6.28
C ARG A 129 -14.39 9.92 7.58
N SER A 130 -13.39 10.14 8.44
CA SER A 130 -13.64 10.87 9.68
C SER A 130 -13.93 12.34 9.38
N HIS A 131 -14.78 12.95 10.21
CA HIS A 131 -15.01 14.38 10.14
C HIS A 131 -13.99 15.10 10.98
N THR A 132 -13.61 16.29 10.53
CA THR A 132 -12.59 17.09 11.21
C THR A 132 -13.16 18.43 11.65
N ALA A 133 -13.08 18.72 12.95
CA ALA A 133 -13.55 20.02 13.45
C ALA A 133 -12.78 21.13 12.73
N GLY A 134 -13.52 22.17 12.31
CA GLY A 134 -12.93 23.36 11.73
C GLY A 134 -12.72 23.25 10.24
N SER A 135 -13.28 22.19 9.64
CA SER A 135 -13.20 21.99 8.20
C SER A 135 -14.45 21.31 7.71
N LEU A 136 -14.82 21.57 6.47
CA LEU A 136 -15.84 20.78 5.82
C LEU A 136 -15.24 19.64 4.97
N CYS A 137 -13.91 19.53 4.93
CA CYS A 137 -13.23 18.44 4.22
C CYS A 137 -13.22 17.21 5.09
N ILE A 138 -13.44 16.05 4.49
CA ILE A 138 -13.57 14.82 5.27
C ILE A 138 -12.32 13.97 5.10
N GLY A 139 -11.92 13.29 6.17
CA GLY A 139 -10.94 12.21 6.07
C GLY A 139 -9.51 12.63 6.41
N VAL A 140 -8.78 11.65 6.92
CA VAL A 140 -7.39 11.76 7.32
C VAL A 140 -6.62 10.72 6.51
N ASP A 141 -5.39 11.03 6.12
CA ASP A 141 -4.57 10.04 5.44
C ASP A 141 -4.15 9.01 6.49
N PRO A 142 -4.65 7.76 6.42
CA PRO A 142 -4.29 6.77 7.44
C PRO A 142 -2.81 6.42 7.40
N ASN A 143 -2.12 6.72 6.29
CA ASN A 143 -0.68 6.48 6.22
C ASN A 143 0.16 7.71 6.55
N ARG A 144 -0.46 8.66 7.27
CA ARG A 144 0.27 9.76 7.89
C ARG A 144 -0.12 9.91 9.37
N ASN A 145 -0.86 8.92 9.87
CA ASN A 145 -1.52 9.01 11.18
C ASN A 145 -0.77 8.22 12.28
N TRP A 146 0.31 7.54 11.92
CA TRP A 146 0.99 6.67 12.90
C TRP A 146 1.99 7.46 13.75
N ASP A 147 2.30 6.93 14.93
CA ASP A 147 3.12 7.65 15.90
C ASP A 147 4.60 7.37 15.69
N ALA A 148 5.06 7.66 14.47
CA ALA A 148 6.48 7.65 14.13
C ALA A 148 6.72 8.87 13.27
N GLY A 149 7.37 9.87 13.85
CA GLY A 149 7.55 11.14 13.17
C GLY A 149 6.24 11.86 12.90
N PHE A 150 5.24 11.58 13.73
CA PHE A 150 3.91 12.17 13.52
C PHE A 150 3.94 13.69 13.45
N GLY A 151 3.34 14.23 12.39
CA GLY A 151 3.15 15.66 12.23
C GLY A 151 4.39 16.40 11.74
N LEU A 152 5.46 15.67 11.49
CA LEU A 152 6.69 16.28 10.98
C LEU A 152 6.59 16.42 9.47
N SER A 153 7.57 17.07 8.86
CA SER A 153 7.61 17.23 7.41
C SER A 153 7.36 15.90 6.70
N GLY A 154 6.54 15.93 5.66
CA GLY A 154 6.08 14.70 5.00
C GLY A 154 4.61 14.42 5.21
N ALA A 155 3.90 15.43 5.71
CA ALA A 155 2.44 15.36 5.88
C ALA A 155 1.86 16.76 5.88
N SER A 156 0.55 16.86 5.69
CA SER A 156 -0.11 18.15 5.59
C SER A 156 -0.95 18.48 6.83
N SER A 157 -1.01 19.77 7.13
CA SER A 157 -1.87 20.28 8.18
C SER A 157 -3.26 20.69 7.66
N ASN A 158 -3.44 20.61 6.34
CA ASN A 158 -4.67 21.02 5.68
C ASN A 158 -5.64 19.85 5.63
N PRO A 159 -6.79 19.96 6.33
CA PRO A 159 -7.70 18.81 6.32
C PRO A 159 -8.18 18.34 4.94
N CYS A 160 -8.13 19.24 3.95
CA CYS A 160 -8.51 18.93 2.58
C CYS A 160 -7.43 18.19 1.82
N SER A 161 -6.22 18.13 2.39
CA SER A 161 -5.09 17.50 1.71
C SER A 161 -5.24 16.01 1.70
N GLU A 162 -4.73 15.39 0.63
CA GLU A 162 -4.66 13.93 0.56
C GLU A 162 -3.70 13.32 1.59
N THR A 163 -2.78 14.13 2.11
CA THR A 163 -1.82 13.68 3.12
C THR A 163 -2.04 14.35 4.49
N TYR A 164 -3.27 14.81 4.76
CA TYR A 164 -3.61 15.35 6.09
C TYR A 164 -3.33 14.30 7.19
N HIS A 165 -2.59 14.70 8.22
CA HIS A 165 -2.14 13.75 9.23
C HIS A 165 -3.16 13.46 10.33
N GLY A 166 -4.21 14.28 10.43
CA GLY A 166 -5.18 14.13 11.52
C GLY A 166 -4.82 14.97 12.74
N LYS A 167 -5.72 15.01 13.71
CA LYS A 167 -5.51 15.92 14.85
C LYS A 167 -4.35 15.47 15.76
N PHE A 168 -4.16 14.16 15.86
CA PHE A 168 -3.10 13.56 16.69
C PHE A 168 -2.83 12.13 16.23
N ALA A 169 -1.66 11.58 16.59
CA ALA A 169 -1.33 10.22 16.19
C ALA A 169 -2.37 9.25 16.67
N ASN A 170 -2.74 8.33 15.79
CA ASN A 170 -3.73 7.29 16.07
C ASN A 170 -5.16 7.82 16.27
N SER A 171 -5.41 9.05 15.83
CA SER A 171 -6.78 9.57 15.85
C SER A 171 -7.74 8.70 15.07
N GLU A 172 -7.25 8.06 14.01
CA GLU A 172 -8.12 7.26 13.18
C GLU A 172 -8.27 5.89 13.78
N VAL A 173 -9.50 5.50 14.07
CA VAL A 173 -9.77 4.20 14.68
C VAL A 173 -9.23 3.02 13.85
N GLU A 174 -9.20 3.17 12.52
CA GLU A 174 -8.65 2.13 11.62
C GLU A 174 -7.16 1.88 11.88
N VAL A 175 -6.46 2.95 12.25
CA VAL A 175 -5.06 2.88 12.61
C VAL A 175 -4.89 2.38 14.04
N LYS A 176 -5.61 3.00 14.98
CA LYS A 176 -5.52 2.62 16.38
C LYS A 176 -5.86 1.14 16.57
N SER A 177 -6.82 0.63 15.81
CA SER A 177 -7.20 -0.79 15.92
C SER A 177 -6.02 -1.73 15.61
N ILE A 178 -5.21 -1.37 14.60
CA ILE A 178 -4.02 -2.17 14.27
C ILE A 178 -2.94 -1.99 15.35
N VAL A 179 -2.72 -0.76 15.77
CA VAL A 179 -1.75 -0.45 16.83
C VAL A 179 -2.03 -1.35 18.05
N ASP A 180 -3.29 -1.38 18.48
CA ASP A 180 -3.65 -2.17 19.65
C ASP A 180 -3.39 -3.65 19.41
N PHE A 181 -3.81 -4.15 18.24
CA PHE A 181 -3.56 -5.55 17.88
C PHE A 181 -2.07 -5.89 17.89
N VAL A 182 -1.25 -5.03 17.30
CA VAL A 182 0.18 -5.30 17.15
C VAL A 182 0.85 -5.33 18.52
N LYS A 183 0.50 -4.38 19.38
CA LYS A 183 1.15 -4.31 20.69
C LYS A 183 0.70 -5.44 21.59
N ASP A 184 -0.59 -5.80 21.50
CA ASP A 184 -1.11 -6.90 22.29
C ASP A 184 -0.50 -8.24 21.88
N HIS A 185 -0.22 -8.38 20.59
CA HIS A 185 0.39 -9.60 20.08
C HIS A 185 1.84 -9.70 20.59
N GLY A 186 2.63 -8.67 20.34
CA GLY A 186 3.99 -8.59 20.82
C GLY A 186 5.02 -9.45 20.11
N ASN A 187 4.62 -10.27 19.14
CA ASN A 187 5.53 -11.20 18.47
C ASN A 187 5.38 -11.27 16.94
N ILE A 188 4.97 -10.14 16.36
CA ILE A 188 4.99 -10.04 14.91
C ILE A 188 6.45 -9.78 14.50
N LYS A 189 6.95 -10.56 13.55
CA LYS A 189 8.34 -10.47 13.09
C LYS A 189 8.50 -9.75 11.77
N ALA A 190 7.47 -9.81 10.93
CA ALA A 190 7.46 -9.03 9.69
C ALA A 190 6.12 -8.38 9.53
N PHE A 191 6.13 -7.16 8.99
CA PHE A 191 4.88 -6.42 8.82
C PHE A 191 4.94 -5.80 7.44
N ILE A 192 3.98 -6.16 6.59
CA ILE A 192 4.03 -5.74 5.19
C ILE A 192 2.75 -4.99 4.88
N SER A 193 2.87 -3.72 4.52
CA SER A 193 1.69 -2.92 4.24
C SER A 193 1.65 -2.64 2.73
N ILE A 194 0.59 -3.08 2.06
CA ILE A 194 0.55 -3.09 0.60
C ILE A 194 -0.28 -1.95 0.00
N HIS A 195 0.35 -1.19 -0.90
CA HIS A 195 -0.26 -0.09 -1.65
C HIS A 195 -0.15 -0.37 -3.14
N SER A 196 -0.82 0.45 -3.95
CA SER A 196 -0.48 0.61 -5.37
C SER A 196 -0.55 2.11 -5.67
N TYR A 197 0.05 2.62 -6.76
CA TYR A 197 0.82 1.86 -7.73
C TYR A 197 2.22 2.48 -7.76
N SER A 198 3.12 1.83 -8.52
CA SER A 198 4.43 2.37 -8.95
C SER A 198 5.48 1.27 -9.03
N GLN A 199 5.17 0.07 -8.54
CA GLN A 199 6.11 -1.07 -8.67
C GLN A 199 7.39 -0.82 -7.88
N LEU A 200 7.19 -0.71 -6.56
CA LEU A 200 8.27 -0.50 -5.60
C LEU A 200 8.16 -1.40 -4.41
N LEU A 201 9.32 -1.72 -3.83
CA LEU A 201 9.35 -2.39 -2.51
C LEU A 201 10.22 -1.52 -1.63
N MET A 202 9.66 -1.08 -0.50
CA MET A 202 10.33 -0.09 0.33
C MET A 202 10.44 -0.48 1.80
N TYR A 203 11.43 0.07 2.47
CA TYR A 203 11.69 -0.17 3.88
C TYR A 203 11.88 1.20 4.56
N PRO A 204 12.00 1.26 5.90
CA PRO A 204 12.06 2.59 6.55
C PRO A 204 13.35 3.34 6.16
N TYR A 205 13.41 4.66 6.31
CA TYR A 205 12.32 5.50 6.85
C TYR A 205 11.62 6.29 5.76
N GLY A 206 10.40 6.69 6.04
CA GLY A 206 9.75 7.68 5.23
C GLY A 206 9.97 9.09 5.72
N TYR A 207 10.16 9.26 7.03
CA TYR A 207 10.13 10.62 7.57
C TYR A 207 11.48 11.31 7.68
N LYS A 208 12.58 10.56 7.56
CA LYS A 208 13.92 11.13 7.68
C LYS A 208 14.91 10.40 6.80
N THR A 209 16.00 11.09 6.46
CA THR A 209 17.02 10.57 5.56
C THR A 209 18.01 9.62 6.23
N GLU A 210 18.09 9.65 7.57
CA GLU A 210 18.96 8.77 8.35
C GLU A 210 18.69 7.32 7.95
N PRO A 211 19.75 6.55 7.65
CA PRO A 211 19.53 5.13 7.36
C PRO A 211 18.98 4.33 8.52
N VAL A 212 18.01 3.49 8.22
CA VAL A 212 17.51 2.57 9.22
C VAL A 212 18.66 1.65 9.68
N PRO A 213 18.73 1.29 10.97
CA PRO A 213 19.86 0.46 11.45
C PRO A 213 20.09 -0.85 10.70
N ASP A 214 19.00 -1.45 10.19
CA ASP A 214 19.08 -2.69 9.41
C ASP A 214 19.07 -2.43 7.90
N GLN A 215 19.53 -1.26 7.48
CA GLN A 215 19.42 -0.86 6.07
C GLN A 215 19.97 -1.91 5.13
N ASP A 216 21.18 -2.39 5.38
CA ASP A 216 21.83 -3.26 4.41
C ASP A 216 21.12 -4.60 4.28
N GLU A 217 20.73 -5.19 5.41
CA GLU A 217 19.98 -6.44 5.39
C GLU A 217 18.65 -6.26 4.65
N LEU A 218 17.97 -5.15 4.95
CA LEU A 218 16.68 -4.91 4.35
C LEU A 218 16.79 -4.64 2.84
N ASP A 219 17.88 -3.97 2.42
CA ASP A 219 18.11 -3.69 1.02
C ASP A 219 18.47 -4.98 0.28
N GLN A 220 19.20 -5.85 0.96
CA GLN A 220 19.59 -7.15 0.41
C GLN A 220 18.35 -8.02 0.20
N LEU A 221 17.49 -8.04 1.22
CA LEU A 221 16.25 -8.79 1.15
C LEU A 221 15.32 -8.22 0.06
N SER A 222 15.28 -6.90 -0.04
CA SER A 222 14.49 -6.23 -1.08
C SER A 222 14.92 -6.67 -2.48
N LYS A 223 16.22 -6.70 -2.73
CA LYS A 223 16.70 -7.13 -4.04
C LYS A 223 16.28 -8.58 -4.31
N ALA A 224 16.42 -9.44 -3.30
CA ALA A 224 16.05 -10.86 -3.52
C ALA A 224 14.55 -10.95 -3.83
N ALA A 225 13.76 -10.18 -3.08
CA ALA A 225 12.30 -10.19 -3.24
C ALA A 225 11.82 -9.70 -4.61
N VAL A 226 12.38 -8.59 -5.10
CA VAL A 226 11.95 -8.05 -6.41
C VAL A 226 12.44 -8.94 -7.55
N THR A 227 13.56 -9.62 -7.34
CA THR A 227 14.08 -10.59 -8.31
C THR A 227 13.10 -11.77 -8.43
N ALA A 228 12.67 -12.29 -7.28
CA ALA A 228 11.65 -13.35 -7.29
C ALA A 228 10.37 -12.90 -7.98
N LEU A 229 9.90 -11.70 -7.63
CA LEU A 229 8.69 -11.15 -8.26
C LEU A 229 8.82 -11.12 -9.79
N ALA A 230 9.95 -10.61 -10.26
CA ALA A 230 10.22 -10.44 -11.69
C ALA A 230 10.27 -11.75 -12.44
N SER A 231 10.53 -12.86 -11.76
CA SER A 231 10.72 -14.14 -12.46
C SER A 231 9.51 -14.60 -13.27
N LEU A 232 8.32 -14.17 -12.86
CA LEU A 232 7.08 -14.70 -13.43
C LEU A 232 6.73 -14.04 -14.76
N TYR A 233 6.66 -12.71 -14.78
CA TYR A 233 6.24 -11.98 -15.96
C TYR A 233 7.23 -10.88 -16.35
N GLY A 234 8.33 -10.78 -15.63
CA GLY A 234 9.33 -9.73 -15.90
C GLY A 234 9.00 -8.35 -15.38
N THR A 235 8.03 -8.26 -14.47
CA THR A 235 7.64 -6.97 -13.91
C THR A 235 8.80 -6.39 -13.09
N LYS A 236 9.18 -5.16 -13.42
CA LYS A 236 10.33 -4.51 -12.80
C LYS A 236 9.91 -3.68 -11.59
N PHE A 237 10.41 -4.05 -10.41
CA PHE A 237 10.25 -3.22 -9.20
C PHE A 237 11.57 -2.60 -8.83
N ASN A 238 11.57 -1.32 -8.47
CA ASN A 238 12.71 -0.73 -7.79
C ASN A 238 12.53 -0.82 -6.27
N TYR A 239 13.57 -0.51 -5.52
CA TYR A 239 13.50 -0.67 -4.07
C TYR A 239 14.42 0.30 -3.36
N GLY A 240 14.14 0.55 -2.08
CA GLY A 240 14.88 1.50 -1.27
C GLY A 240 14.04 1.95 -0.10
N SER A 241 14.57 2.91 0.63
CA SER A 241 13.79 3.52 1.70
C SER A 241 12.60 4.28 1.11
N ILE A 242 11.56 4.48 1.89
CA ILE A 242 10.41 5.25 1.41
C ILE A 242 10.89 6.63 0.96
N ILE A 243 11.70 7.28 1.79
CA ILE A 243 12.10 8.66 1.51
C ILE A 243 12.89 8.79 0.21
N LYS A 244 13.73 7.80 -0.09
CA LYS A 244 14.53 7.83 -1.32
C LYS A 244 13.70 7.42 -2.53
N ALA A 245 12.86 6.39 -2.37
CA ALA A 245 12.17 5.78 -3.53
C ALA A 245 10.93 6.56 -3.99
N ILE A 246 10.20 7.14 -3.03
CA ILE A 246 9.04 7.94 -3.40
C ILE A 246 9.17 9.40 -3.01
N TYR A 247 9.03 9.68 -1.72
CA TYR A 247 9.04 11.03 -1.18
C TYR A 247 9.01 10.93 0.33
N GLN A 248 9.32 12.05 0.99
CA GLN A 248 9.21 12.14 2.45
C GLN A 248 7.75 11.98 2.87
N ALA A 249 7.52 11.11 3.84
CA ALA A 249 6.19 10.78 4.31
C ALA A 249 6.35 10.52 5.79
N SER A 250 5.67 11.32 6.62
CA SER A 250 5.78 11.18 8.08
C SER A 250 4.54 10.48 8.65
N GLY A 251 4.69 9.76 9.76
CA GLY A 251 3.55 9.08 10.39
C GLY A 251 3.10 7.90 9.55
N SER A 252 4.02 7.29 8.82
CA SER A 252 3.67 6.17 7.96
C SER A 252 3.74 4.84 8.72
N THR A 253 3.02 3.84 8.22
CA THR A 253 2.85 2.58 8.95
C THR A 253 4.16 1.87 9.29
N ILE A 254 5.00 1.63 8.30
CA ILE A 254 6.20 0.83 8.55
C ILE A 254 7.26 1.55 9.38
N ASP A 255 7.27 2.88 9.40
CA ASP A 255 8.13 3.56 10.37
C ASP A 255 7.68 3.27 11.81
N TRP A 256 6.38 3.25 12.04
CA TRP A 256 5.86 2.87 13.34
C TRP A 256 6.11 1.39 13.66
N THR A 257 5.82 0.48 12.74
CA THR A 257 6.04 -0.94 13.06
C THR A 257 7.53 -1.24 13.33
N TYR A 258 8.41 -0.59 12.57
CA TYR A 258 9.83 -0.75 12.80
C TYR A 258 10.22 -0.26 14.20
N SER A 259 9.59 0.82 14.64
CA SER A 259 9.85 1.36 15.99
C SER A 259 9.35 0.43 17.10
N GLN A 260 8.49 -0.53 16.76
CA GLN A 260 8.00 -1.56 17.72
C GLN A 260 8.93 -2.78 17.73
N GLY A 261 10.06 -2.65 17.03
CA GLY A 261 11.03 -3.74 16.95
C GLY A 261 10.74 -4.78 15.89
N ILE A 262 9.80 -4.47 14.98
CA ILE A 262 9.49 -5.37 13.87
C ILE A 262 10.48 -5.06 12.75
N LYS A 263 11.52 -5.88 12.65
CA LYS A 263 12.64 -5.59 11.77
C LYS A 263 12.23 -5.60 10.30
N TYR A 264 11.49 -6.63 9.92
CA TYR A 264 11.11 -6.81 8.52
C TYR A 264 9.82 -6.07 8.19
N SER A 265 9.93 -4.73 8.25
CA SER A 265 8.83 -3.81 7.98
C SER A 265 8.96 -3.28 6.58
N PHE A 266 8.00 -3.64 5.73
CA PHE A 266 8.10 -3.36 4.30
C PHE A 266 6.79 -2.78 3.77
N THR A 267 6.89 -1.87 2.81
CA THR A 267 5.68 -1.45 2.12
C THR A 267 5.84 -1.65 0.59
N PHE A 268 4.82 -2.24 -0.04
CA PHE A 268 4.83 -2.46 -1.48
C PHE A 268 4.01 -1.40 -2.18
N GLU A 269 4.41 -1.03 -3.39
CA GLU A 269 3.53 -0.38 -4.37
C GLU A 269 3.42 -1.35 -5.55
N LEU A 270 2.22 -1.88 -5.76
CA LEU A 270 2.00 -2.88 -6.82
C LEU A 270 1.87 -2.21 -8.20
N ARG A 271 1.51 -3.00 -9.19
CA ARG A 271 1.30 -2.51 -10.56
C ARG A 271 0.30 -1.34 -10.63
N ASP A 272 0.39 -0.46 -11.63
CA ASP A 272 1.45 -0.45 -12.65
C ASP A 272 2.40 0.73 -12.38
N THR A 273 2.94 1.34 -13.44
CA THR A 273 3.76 2.54 -13.24
C THR A 273 3.02 3.83 -13.62
N GLY A 274 1.74 3.72 -13.91
CA GLY A 274 0.93 4.91 -14.17
C GLY A 274 0.06 4.86 -15.39
N ARG A 275 0.26 3.85 -16.26
CA ARG A 275 -0.55 3.79 -17.46
C ARG A 275 -2.03 3.74 -17.10
N TYR A 276 -2.38 2.84 -16.19
CA TYR A 276 -3.73 2.78 -15.61
C TYR A 276 -3.76 3.30 -14.16
N GLY A 277 -2.62 3.23 -13.47
CA GLY A 277 -2.55 3.78 -12.12
C GLY A 277 -3.49 3.06 -11.17
N PHE A 278 -4.35 3.78 -10.47
CA PHE A 278 -5.29 3.12 -9.53
C PHE A 278 -6.38 2.29 -10.21
N LEU A 279 -6.64 2.60 -11.48
CA LEU A 279 -7.69 1.93 -12.25
C LEU A 279 -7.12 0.77 -13.05
N LEU A 280 -6.37 -0.12 -12.38
CA LEU A 280 -5.71 -1.24 -13.06
C LEU A 280 -6.78 -2.19 -13.58
N PRO A 281 -6.66 -2.62 -14.84
CA PRO A 281 -7.64 -3.55 -15.39
C PRO A 281 -7.73 -4.82 -14.57
N ALA A 282 -8.97 -5.31 -14.40
CA ALA A 282 -9.21 -6.53 -13.65
C ALA A 282 -8.43 -7.75 -14.17
N SER A 283 -8.11 -7.77 -15.47
CA SER A 283 -7.33 -8.88 -16.03
C SER A 283 -5.91 -8.93 -15.47
N GLN A 284 -5.50 -7.87 -14.77
CA GLN A 284 -4.16 -7.86 -14.14
C GLN A 284 -4.17 -8.24 -12.65
N ILE A 285 -5.36 -8.44 -12.07
CA ILE A 285 -5.42 -8.78 -10.65
C ILE A 285 -4.60 -10.05 -10.35
N ILE A 286 -4.90 -11.13 -11.07
CA ILE A 286 -4.29 -12.42 -10.75
C ILE A 286 -2.78 -12.43 -11.02
N PRO A 287 -2.35 -11.93 -12.20
CA PRO A 287 -0.91 -11.81 -12.38
C PRO A 287 -0.22 -10.94 -11.32
N THR A 288 -0.85 -9.82 -10.95
CA THR A 288 -0.30 -8.97 -9.91
C THR A 288 -0.17 -9.76 -8.60
N ALA A 289 -1.23 -10.44 -8.22
CA ALA A 289 -1.20 -11.19 -6.97
C ALA A 289 -0.15 -12.30 -7.03
N LYS A 290 -0.10 -13.02 -8.15
CA LYS A 290 0.89 -14.10 -8.29
C LYS A 290 2.34 -13.65 -8.10
N GLU A 291 2.74 -12.58 -8.81
CA GLU A 291 4.12 -12.11 -8.74
C GLU A 291 4.40 -11.53 -7.35
N THR A 292 3.43 -10.84 -6.77
CA THR A 292 3.61 -10.26 -5.43
C THR A 292 3.79 -11.36 -4.39
N TRP A 293 3.04 -12.44 -4.54
CA TRP A 293 3.15 -13.56 -3.63
C TRP A 293 4.57 -14.12 -3.59
N LEU A 294 5.24 -14.18 -4.74
CA LEU A 294 6.64 -14.62 -4.79
C LEU A 294 7.56 -13.74 -3.95
N ALA A 295 7.36 -12.42 -4.01
CA ALA A 295 8.10 -11.50 -3.15
C ALA A 295 7.78 -11.71 -1.67
N LEU A 296 6.49 -11.88 -1.36
CA LEU A 296 6.08 -12.15 0.02
C LEU A 296 6.71 -13.42 0.56
N LEU A 297 6.74 -14.49 -0.26
CA LEU A 297 7.39 -15.73 0.13
C LEU A 297 8.86 -15.51 0.48
N THR A 298 9.55 -14.68 -0.32
CA THR A 298 10.97 -14.40 -0.09
C THR A 298 11.13 -13.78 1.28
N ILE A 299 10.27 -12.80 1.57
CA ILE A 299 10.32 -12.15 2.88
C ILE A 299 9.99 -13.12 4.02
N MET A 300 8.98 -13.98 3.83
CA MET A 300 8.59 -14.91 4.89
C MET A 300 9.72 -15.92 5.17
N GLU A 301 10.35 -16.40 4.10
CA GLU A 301 11.44 -17.38 4.24
C GLU A 301 12.63 -16.71 4.96
N HIS A 302 12.98 -15.50 4.55
CA HIS A 302 14.04 -14.77 5.25
C HIS A 302 13.72 -14.59 6.75
N THR A 303 12.48 -14.18 7.04
CA THR A 303 12.01 -14.04 8.44
C THR A 303 12.16 -15.37 9.19
N LEU A 304 11.69 -16.46 8.58
CA LEU A 304 11.83 -17.82 9.15
C LEU A 304 13.28 -18.17 9.51
N ASN A 305 14.23 -17.90 8.60
CA ASN A 305 15.67 -18.30 8.71
C ASN A 305 16.52 -17.33 9.53
N HIS A 306 15.88 -16.23 9.97
CA HIS A 306 16.54 -15.25 10.85
C HIS A 306 15.69 -15.02 12.10
N PRO A 307 15.51 -16.07 12.93
CA PRO A 307 14.60 -16.07 14.10
C PRO A 307 15.10 -15.29 15.31
N VAL B 1 10.17 28.09 -13.51
CA VAL B 1 9.10 27.80 -14.51
C VAL B 1 8.98 28.89 -15.56
N ARG B 2 8.75 28.50 -16.81
CA ARG B 2 8.39 29.42 -17.85
C ARG B 2 7.07 28.97 -18.42
N LYS B 3 6.07 29.85 -18.38
CA LYS B 3 4.76 29.59 -18.94
C LYS B 3 4.75 29.78 -20.44
N CYS B 4 3.82 29.10 -21.10
CA CYS B 4 3.75 29.09 -22.57
C CYS B 4 2.35 28.76 -23.05
N LEU B 5 2.08 29.09 -24.31
CA LEU B 5 0.88 28.66 -25.01
C LEU B 5 1.24 27.84 -26.25
N SER B 6 2.45 28.05 -26.77
CA SER B 6 3.00 27.28 -27.87
C SER B 6 4.52 27.20 -27.70
N ASP B 7 5.14 26.35 -28.51
CA ASP B 7 6.57 26.08 -28.43
C ASP B 7 7.43 27.33 -28.63
N THR B 8 6.85 28.30 -29.34
CA THR B 8 7.56 29.54 -29.65
C THR B 8 7.67 30.48 -28.45
N ASP B 9 6.94 30.17 -27.37
CA ASP B 9 7.07 30.89 -26.10
C ASP B 9 8.20 30.35 -25.22
N CYS B 10 8.77 29.22 -25.63
CA CYS B 10 9.84 28.62 -24.86
C CYS B 10 11.23 29.04 -25.39
N THR B 11 12.26 28.68 -24.63
CA THR B 11 13.64 28.96 -25.01
C THR B 11 14.47 27.68 -24.88
N ASN B 12 15.71 27.73 -25.37
CA ASN B 12 16.66 26.63 -25.23
C ASN B 12 16.13 25.32 -25.84
N GLY B 13 15.36 25.45 -26.92
CA GLY B 13 14.76 24.30 -27.61
C GLY B 13 13.63 23.59 -26.87
N GLU B 14 13.16 24.18 -25.77
CA GLU B 14 12.16 23.50 -24.94
C GLU B 14 10.80 23.53 -25.63
N LYS B 15 9.93 22.60 -25.25
CA LYS B 15 8.59 22.56 -25.83
C LYS B 15 7.54 22.94 -24.78
N CYS B 16 6.41 23.45 -25.26
CA CYS B 16 5.27 23.77 -24.41
C CYS B 16 4.43 22.52 -24.10
N VAL B 17 4.38 22.16 -22.82
CA VAL B 17 3.53 21.07 -22.38
C VAL B 17 2.09 21.59 -22.33
N GLN B 18 1.23 21.04 -23.17
CA GLN B 18 -0.11 21.63 -23.30
C GLN B 18 -1.02 21.39 -22.09
N LYS B 19 -0.84 20.28 -21.40
CA LYS B 19 -1.70 19.97 -20.27
C LYS B 19 -1.59 21.02 -19.16
N ASN B 20 -0.35 21.43 -18.84
CA ASN B 20 -0.12 22.40 -17.77
C ASN B 20 0.50 23.74 -18.19
N LYS B 21 0.73 23.91 -19.50
CA LYS B 21 1.20 25.19 -20.08
C LYS B 21 2.53 25.66 -19.49
N ILE B 22 3.48 24.73 -19.42
CA ILE B 22 4.83 25.07 -19.01
C ILE B 22 5.82 24.54 -20.03
N CYS B 23 6.95 25.21 -20.09
CA CYS B 23 8.06 24.80 -20.94
C CYS B 23 8.84 23.68 -20.28
N SER B 24 9.28 22.71 -21.07
CA SER B 24 10.08 21.60 -20.59
C SER B 24 10.95 21.07 -21.72
N THR B 25 12.09 20.47 -21.37
CA THR B 25 12.92 19.80 -22.36
C THR B 25 12.19 18.59 -22.90
N ILE B 26 12.52 18.23 -24.12
CA ILE B 26 12.01 16.99 -24.69
C ILE B 26 12.41 15.79 -23.82
N VAL B 27 13.64 15.80 -23.29
CA VAL B 27 14.13 14.69 -22.47
C VAL B 27 13.22 14.52 -21.24
N GLU B 28 12.89 15.63 -20.59
CA GLU B 28 12.00 15.57 -19.43
C GLU B 28 10.57 15.20 -19.78
N ILE B 29 10.08 15.69 -20.91
CA ILE B 29 8.75 15.27 -21.38
C ILE B 29 8.75 13.75 -21.61
N GLN B 30 9.75 13.24 -22.34
CA GLN B 30 9.90 11.81 -22.58
C GLN B 30 10.00 11.00 -21.28
N ARG B 31 10.81 11.46 -20.34
CA ARG B 31 11.01 10.72 -19.08
C ARG B 31 9.73 10.63 -18.27
N CYS B 32 9.02 11.76 -18.14
CA CYS B 32 7.82 11.73 -17.30
C CYS B 32 6.74 10.83 -17.90
N GLU B 33 6.66 10.80 -19.23
CA GLU B 33 5.69 9.97 -19.94
C GLU B 33 6.07 8.49 -19.85
N LYS B 34 7.34 8.19 -20.09
CA LYS B 34 7.82 6.82 -20.11
C LYS B 34 7.87 6.17 -18.73
N GLU B 35 8.41 6.89 -17.75
CA GLU B 35 8.64 6.34 -16.42
C GLU B 35 7.38 6.36 -15.59
N HIS B 36 6.52 7.37 -15.84
CA HIS B 36 5.43 7.70 -14.92
C HIS B 36 4.07 8.02 -15.58
N PHE B 37 4.00 7.88 -16.90
CA PHE B 37 2.76 8.17 -17.66
C PHE B 37 2.12 9.49 -17.24
N THR B 38 2.96 10.51 -17.14
CA THR B 38 2.52 11.81 -16.69
C THR B 38 3.34 12.93 -17.35
N ILE B 39 3.19 14.14 -16.82
CA ILE B 39 3.81 15.33 -17.41
C ILE B 39 4.84 15.93 -16.46
N PRO B 40 5.78 16.73 -16.99
CA PRO B 40 6.76 17.39 -16.15
C PRO B 40 6.17 18.55 -15.35
N CYS B 41 6.91 18.96 -14.34
CA CYS B 41 6.53 20.08 -13.50
C CYS B 41 7.79 20.66 -12.87
N LYS B 42 7.67 21.90 -12.41
CA LYS B 42 8.72 22.56 -11.64
C LYS B 42 8.33 22.67 -10.18
N SER B 43 7.03 22.79 -9.92
CA SER B 43 6.49 22.79 -8.55
C SER B 43 5.10 22.21 -8.52
N ASN B 44 4.54 22.03 -7.32
CA ASN B 44 3.18 21.48 -7.14
C ASN B 44 2.14 22.24 -7.94
N ASN B 45 2.34 23.56 -8.08
CA ASN B 45 1.41 24.42 -8.81
C ASN B 45 1.21 23.97 -10.28
N ASP B 46 2.23 23.35 -10.86
CA ASP B 46 2.16 22.86 -12.24
C ASP B 46 1.38 21.54 -12.38
N CYS B 47 0.83 21.04 -11.26
CA CYS B 47 0.12 19.76 -11.28
C CYS B 47 -1.38 19.88 -10.91
N GLN B 48 -1.90 21.10 -10.96
CA GLN B 48 -3.26 21.41 -10.47
C GLN B 48 -4.41 20.99 -11.40
N VAL B 49 -4.10 20.53 -12.60
CA VAL B 49 -5.16 20.28 -13.60
C VAL B 49 -6.03 19.10 -13.22
N TRP B 50 -5.55 18.27 -12.29
CA TRP B 50 -6.36 17.15 -11.82
C TRP B 50 -7.12 17.57 -10.57
N ALA B 51 -8.43 17.38 -10.60
CA ALA B 51 -9.26 17.56 -9.41
C ALA B 51 -8.78 16.68 -8.25
N HIS B 52 -8.31 15.48 -8.57
CA HIS B 52 -7.76 14.61 -7.53
C HIS B 52 -6.31 14.98 -7.39
N GLU B 53 -5.99 15.62 -6.27
CA GLU B 53 -4.66 16.19 -6.00
C GLU B 53 -3.49 15.31 -6.43
N LYS B 54 -2.64 15.89 -7.27
CA LYS B 54 -1.31 15.35 -7.55
C LYS B 54 -0.25 16.29 -7.00
N ILE B 55 1.00 15.82 -6.93
CA ILE B 55 2.14 16.63 -6.45
C ILE B 55 3.25 16.63 -7.48
N CYS B 56 4.14 17.62 -7.41
CA CYS B 56 5.34 17.60 -8.23
C CYS B 56 6.43 16.92 -7.42
N ASN B 57 6.88 15.79 -7.95
CA ASN B 57 7.90 15.00 -7.30
C ASN B 57 8.93 14.59 -8.31
N LYS B 58 10.19 14.98 -8.08
CA LYS B 58 11.29 14.57 -8.95
C LYS B 58 11.02 14.89 -10.43
N GLY B 59 10.47 16.08 -10.63
CA GLY B 59 10.31 16.64 -11.96
C GLY B 59 9.08 16.22 -12.74
N CYS B 60 8.24 15.34 -12.15
CA CYS B 60 6.98 14.90 -12.79
C CYS B 60 5.77 15.01 -11.86
N CYS B 61 4.56 15.11 -12.43
CA CYS B 61 3.32 15.15 -11.63
C CYS B 61 2.94 13.77 -11.15
N TRP B 62 3.18 13.49 -9.88
CA TRP B 62 2.92 12.17 -9.26
C TRP B 62 1.60 12.11 -8.53
N ASP B 63 1.00 10.93 -8.47
CA ASP B 63 -0.04 10.69 -7.49
C ASP B 63 0.54 10.49 -6.09
N LEU B 64 -0.32 10.63 -5.08
CA LEU B 64 0.00 10.15 -3.73
C LEU B 64 -0.32 8.65 -3.75
N LEU B 65 0.64 7.86 -3.31
CA LEU B 65 0.65 6.44 -3.65
C LEU B 65 0.21 5.54 -2.49
ZN ZN C . -1.28 4.23 -0.83
ZN ZN D . -18.51 -0.92 -7.30
ZN ZN E . 17.40 -13.80 2.93
ZN ZN F . 21.10 -13.63 6.43
ZN ZN G . -23.52 -11.55 0.67
ZN ZN H . -14.52 -33.93 12.05
ZN ZN I . -13.17 -29.97 10.95
ZN ZN J . -11.22 -26.04 -4.27
ZN ZN K . -22.57 -9.92 -4.95
NA NA L . -11.29 9.31 15.34
AS CAC M . -14.96 -31.14 13.48
O1 CAC M . -15.52 -32.70 12.91
O2 CAC M . -14.67 -30.03 12.15
C1 CAC M . -16.33 -30.38 14.67
C2 CAC M . -13.30 -31.33 14.52
AS CAC N . -12.39 -32.94 9.84
O1 CAC N . -13.78 -33.82 10.38
O2 CAC N . -12.19 -31.55 10.87
C1 CAC N . -10.75 -34.02 9.86
C2 CAC N . -12.67 -32.33 7.99
AS CAC O . 20.67 -14.34 3.16
O1 CAC O . 19.10 -13.63 2.93
O2 CAC O . 20.94 -14.65 4.85
C1 CAC O . 20.66 -15.94 2.03
C2 CAC O . 22.03 -13.17 2.36
AS CAC P . -24.63 -10.86 -2.42
O1 CAC P . -24.37 -11.89 -1.05
O2 CAC P . -23.07 -10.61 -3.21
C1 CAC P . -25.78 -11.80 -3.68
C2 CAC P . -25.48 -9.19 -1.83
C ACT Q . 1.83 7.03 0.67
O ACT Q . 1.83 8.17 0.18
OXT ACT Q . 1.20 6.87 1.75
CH3 ACT Q . 2.61 5.91 0.03
C ACT R . -11.01 15.93 -0.99
O ACT R . -11.40 15.85 -2.17
OXT ACT R . -11.86 16.41 -0.19
CH3 ACT R . -9.66 15.43 -0.54
C ACT S . -13.51 -29.03 8.32
O ACT S . -14.17 -29.49 9.27
OXT ACT S . -12.27 -28.90 8.51
CH3 ACT S . -14.19 -28.67 7.03
C ACT T . 16.51 -16.41 3.18
O ACT T . 17.33 -16.24 4.08
OXT ACT T . 16.16 -15.37 2.61
CH3 ACT T . 15.97 -17.76 2.80
C ACT U . -17.97 -2.85 -8.32
O ACT U . -19.14 -2.42 -8.41
OXT ACT U . -17.16 -2.16 -8.93
CH3 ACT U . -17.61 -4.08 -7.53
C ACT V . -3.88 -13.56 18.65
O ACT V . -4.31 -14.28 17.68
OXT ACT V . -4.68 -12.74 19.11
CH3 ACT V . -2.51 -13.61 19.26
ZN ZN W . 11.22 8.17 -11.94
#